data_9H9T
#
_entry.id   9H9T
#
_cell.length_a   176.372
_cell.length_b   38.926
_cell.length_c   59.694
_cell.angle_alpha   90.00
_cell.angle_beta   91.17
_cell.angle_gamma   90.00
#
_symmetry.space_group_name_H-M   'C 1 2 1'
#
loop_
_entity.id
_entity.type
_entity.pdbx_description
1 polymer 'Isoform 4 of E3 ubiquitin-protein ligase NEDD4'
2 non-polymer 'ethyl 4-[4-(2-chloranyl-5,6-dihydrobenzo[b][1]benzazepin-11-yl)butylamino]butanoate'
3 water water
#
_entity_poly.entity_id   1
_entity_poly.type   'polypeptide(L)'
_entity_poly.pdbx_seq_one_letter_code
;SRDYKRKYEFFRRKLKKQNDIPNKFEMKLRRATVLEDSYRRIMGVKRADFLKARLWIEFDGEKGLDYGGVAREWFFLISK
EMFNPYYGLFEYSATDNYTLQINPNSGLCNEDHLSYFKFIGRVAGMAVYHGKLLDGFFIRPFYKMMLHKPITLHDMESVD
SEYYNSLRWILENDPTELDLRFIIDEELFGQTHQHELKNGGSEIVVTNKNKKEYIYLVIQWRFVNRIQKQMAAFKEGFFE
LIPQDLIKIFDENELELLMCGLGDVDVNDWREHTKYKNGYSANHQVIQWFWKAVLMMDSEKRIRLLQFVTGTSRVPMNGF
AELYGSNGPQSFTVEQWGTPEKLPRAHTCFNRLDLPPYESFEELWDKLQMAIENT
;
_entity_poly.pdbx_strand_id   A
#
loop_
_chem_comp.id
_chem_comp.type
_chem_comp.name
_chem_comp.formula
A1ITT non-polymer 'ethyl 4-[4-(2-chloranyl-5,6-dihydrobenzo[b][1]benzazepin-11-yl)butylamino]butanoate' 'C24 H31 Cl N2 O2'
#
# COMPACT_ATOMS: atom_id res chain seq x y z
N SER A 1 -10.75 14.37 19.96
CA SER A 1 -9.57 14.13 19.13
C SER A 1 -9.87 14.43 17.66
N ARG A 2 -8.87 14.26 16.81
CA ARG A 2 -8.99 14.54 15.39
C ARG A 2 -9.19 13.23 14.62
N ASP A 3 -10.18 13.22 13.73
CA ASP A 3 -10.32 12.10 12.82
C ASP A 3 -9.25 12.20 11.74
N TYR A 4 -9.30 11.29 10.76
CA TYR A 4 -8.26 11.28 9.73
C TYR A 4 -8.29 12.55 8.90
N LYS A 5 -9.49 13.02 8.54
CA LYS A 5 -9.59 14.22 7.70
C LYS A 5 -9.03 15.44 8.43
N ARG A 6 -9.39 15.61 9.70
CA ARG A 6 -8.86 16.73 10.47
C ARG A 6 -7.36 16.57 10.71
N LYS A 7 -6.90 15.33 10.90
CA LYS A 7 -5.46 15.10 11.06
C LYS A 7 -4.69 15.50 9.80
N TYR A 8 -5.23 15.17 8.63
CA TYR A 8 -4.53 15.50 7.38
C TYR A 8 -4.41 17.00 7.21
N GLU A 9 -5.50 17.73 7.44
CA GLU A 9 -5.46 19.19 7.35
C GLU A 9 -4.49 19.76 8.37
N PHE A 10 -4.55 19.26 9.61
CA PHE A 10 -3.59 19.65 10.64
C PHE A 10 -2.16 19.33 10.20
N PHE A 11 -1.98 18.21 9.48
CA PHE A 11 -0.65 17.81 9.03
C PHE A 11 -0.14 18.75 7.94
N ARG A 12 -0.99 19.05 6.94
CA ARG A 12 -0.56 19.92 5.85
C ARG A 12 -0.27 21.33 6.34
N ARG A 13 -0.97 21.79 7.38
CA ARG A 13 -0.74 23.16 7.85
CA ARG A 13 -0.77 23.15 7.91
C ARG A 13 0.62 23.31 8.51
N LYS A 14 1.18 22.23 9.07
CA LYS A 14 2.50 22.30 9.67
C LYS A 14 3.61 22.09 8.66
N LEU A 15 3.34 21.39 7.57
CA LEU A 15 4.30 21.20 6.49
C LEU A 15 4.56 22.52 5.77
N LYS A 16 5.23 23.45 6.44
CA LYS A 16 5.38 24.80 5.90
C LYS A 16 6.35 24.83 4.73
N LYS A 17 6.21 25.88 3.93
CA LYS A 17 6.88 25.96 2.63
C LYS A 17 8.33 26.36 2.77
N GLN A 18 9.15 25.88 1.84
CA GLN A 18 10.56 26.26 1.75
C GLN A 18 10.71 27.47 0.84
N ASN A 19 11.53 28.43 1.26
CA ASN A 19 11.83 29.59 0.44
C ASN A 19 13.31 29.78 0.14
N ASP A 20 14.19 28.98 0.76
CA ASP A 20 15.60 28.94 0.38
C ASP A 20 15.87 27.92 -0.72
N ILE A 21 14.85 27.56 -1.49
CA ILE A 21 14.96 26.53 -2.52
C ILE A 21 14.70 27.19 -3.86
N PRO A 22 15.23 26.63 -4.95
CA PRO A 22 14.75 27.02 -6.28
C PRO A 22 13.27 26.69 -6.36
N ASN A 23 12.51 27.49 -7.10
CA ASN A 23 11.07 27.28 -7.04
C ASN A 23 10.64 26.09 -7.89
N LYS A 24 11.41 25.75 -8.94
CA LYS A 24 11.14 24.55 -9.71
C LYS A 24 12.21 23.50 -9.46
N PHE A 25 11.79 22.23 -9.45
CA PHE A 25 12.70 21.08 -9.51
C PHE A 25 12.50 20.41 -10.86
N GLU A 26 13.47 20.58 -11.75
CA GLU A 26 13.39 20.04 -13.10
C GLU A 26 14.08 18.69 -13.16
N MET A 27 13.41 17.69 -13.73
CA MET A 27 14.05 16.43 -14.06
C MET A 27 13.51 15.92 -15.39
N LYS A 28 14.43 15.55 -16.28
CA LYS A 28 14.11 15.05 -17.61
C LYS A 28 14.43 13.57 -17.63
N LEU A 29 13.46 12.77 -18.05
CA LEU A 29 13.58 11.33 -17.98
C LEU A 29 13.21 10.72 -19.32
N ARG A 30 13.79 9.54 -19.56
CA ARG A 30 13.42 8.71 -20.69
C ARG A 30 12.63 7.51 -20.16
N ARG A 31 11.50 7.23 -20.81
CA ARG A 31 10.61 6.18 -20.31
C ARG A 31 11.33 4.84 -20.22
N ALA A 32 12.17 4.52 -21.20
CA ALA A 32 12.90 3.26 -21.19
C ALA A 32 13.86 3.15 -20.01
N THR A 33 14.31 4.27 -19.47
CA THR A 33 15.27 4.28 -18.36
C THR A 33 14.78 5.18 -17.23
N VAL A 34 13.51 5.08 -16.87
CA VAL A 34 12.94 6.01 -15.91
C VAL A 34 13.53 5.80 -14.51
N LEU A 35 13.95 4.58 -14.17
CA LEU A 35 14.44 4.35 -12.82
C LEU A 35 15.85 4.90 -12.64
N GLU A 36 16.75 4.60 -13.58
CA GLU A 36 18.10 5.13 -13.47
C GLU A 36 18.11 6.65 -13.59
N ASP A 37 17.34 7.20 -14.54
CA ASP A 37 17.30 8.64 -14.70
C ASP A 37 16.75 9.33 -13.45
N SER A 38 15.72 8.75 -12.83
CA SER A 38 15.18 9.34 -11.62
C SER A 38 16.14 9.18 -10.45
N TYR A 39 16.77 8.00 -10.33
CA TYR A 39 17.71 7.76 -9.25
C TYR A 39 18.89 8.70 -9.31
N ARG A 40 19.45 8.90 -10.50
CA ARG A 40 20.62 9.78 -10.66
CA ARG A 40 20.63 9.77 -10.61
C ARG A 40 20.28 11.23 -10.33
N ARG A 41 19.07 11.66 -10.67
CA ARG A 41 18.69 13.05 -10.43
C ARG A 41 18.35 13.28 -8.95
N ILE A 42 17.52 12.42 -8.38
CA ILE A 42 17.03 12.65 -7.02
C ILE A 42 18.13 12.42 -6.00
N MET A 43 18.99 11.44 -6.23
CA MET A 43 20.11 11.21 -5.33
C MET A 43 21.27 12.16 -5.59
N GLY A 44 21.17 13.01 -6.60
CA GLY A 44 22.28 13.88 -6.95
C GLY A 44 22.14 15.32 -6.48
N VAL A 45 20.93 15.71 -6.09
CA VAL A 45 20.69 17.11 -5.76
C VAL A 45 21.53 17.56 -4.57
N LYS A 46 21.71 18.88 -4.51
CA LYS A 46 22.45 19.51 -3.44
C LYS A 46 21.87 19.23 -2.06
N ARG A 47 20.61 19.53 -1.90
CA ARG A 47 19.88 19.41 -0.66
C ARG A 47 18.61 18.66 -1.01
N ALA A 48 18.22 17.74 -0.16
CA ALA A 48 16.95 17.08 -0.33
C ALA A 48 15.80 18.08 -0.44
N ASP A 49 15.98 19.28 0.13
CA ASP A 49 14.96 20.31 0.07
C ASP A 49 14.64 20.75 -1.35
N PHE A 50 15.57 20.55 -2.30
CA PHE A 50 15.28 20.87 -3.69
C PHE A 50 14.10 20.07 -4.21
N LEU A 51 13.86 18.89 -3.64
CA LEU A 51 12.76 18.04 -4.07
C LEU A 51 11.40 18.55 -3.62
N LYS A 52 11.36 19.58 -2.78
CA LYS A 52 10.10 20.18 -2.36
C LYS A 52 9.59 21.23 -3.34
N ALA A 53 10.42 21.65 -4.28
CA ALA A 53 9.98 22.59 -5.31
C ALA A 53 8.94 21.94 -6.22
N ARG A 54 8.26 22.78 -7.00
CA ARG A 54 7.25 22.27 -7.92
C ARG A 54 7.90 21.39 -8.97
N LEU A 55 7.37 20.18 -9.13
CA LEU A 55 7.98 19.17 -10.00
C LEU A 55 7.70 19.49 -11.46
N TRP A 56 8.77 19.71 -12.23
CA TRP A 56 8.67 19.94 -13.67
C TRP A 56 9.41 18.79 -14.34
N ILE A 57 8.64 17.76 -14.73
CA ILE A 57 9.18 16.51 -15.26
C ILE A 57 8.86 16.46 -16.75
N GLU A 58 9.85 16.04 -17.54
CA GLU A 58 9.68 15.92 -18.98
C GLU A 58 10.14 14.54 -19.41
N PHE A 59 9.26 13.83 -20.13
CA PHE A 59 9.50 12.45 -20.55
C PHE A 59 9.85 12.43 -22.04
N ASP A 60 10.98 11.82 -22.36
CA ASP A 60 11.39 11.57 -23.75
C ASP A 60 11.34 12.84 -24.60
N GLY A 61 11.66 13.98 -23.99
CA GLY A 61 11.65 15.23 -24.73
C GLY A 61 10.29 15.65 -25.25
N GLU A 62 9.21 15.19 -24.60
CA GLU A 62 7.87 15.58 -25.00
C GLU A 62 7.56 16.95 -24.42
N LYS A 63 7.51 17.96 -25.29
CA LYS A 63 7.39 19.35 -24.87
C LYS A 63 5.93 19.76 -24.72
N GLY A 64 5.71 20.77 -23.88
CA GLY A 64 4.42 21.43 -23.78
C GLY A 64 3.29 20.57 -23.27
N LEU A 65 3.44 20.01 -22.07
CA LEU A 65 2.37 19.25 -21.44
C LEU A 65 2.21 19.71 -20.00
N ASP A 66 1.04 19.39 -19.43
CA ASP A 66 0.72 19.81 -18.08
C ASP A 66 1.70 19.20 -17.08
N TYR A 67 2.48 20.08 -16.44
CA TYR A 67 3.49 19.62 -15.48
C TYR A 67 2.89 18.97 -14.25
N GLY A 68 1.57 19.03 -14.07
CA GLY A 68 0.92 18.37 -12.96
C GLY A 68 0.57 16.93 -13.26
N GLY A 69 0.10 16.69 -14.49
CA GLY A 69 -0.31 15.35 -14.86
C GLY A 69 0.86 14.40 -15.05
N VAL A 70 1.93 14.89 -15.68
CA VAL A 70 3.09 14.02 -15.90
C VAL A 70 3.73 13.63 -14.59
N ALA A 71 3.68 14.53 -13.59
CA ALA A 71 4.14 14.18 -12.26
C ALA A 71 3.39 12.97 -11.72
N ARG A 72 2.07 12.96 -11.90
CA ARG A 72 1.27 11.82 -11.45
C ARG A 72 1.66 10.55 -12.20
N GLU A 73 1.93 10.66 -13.50
CA GLU A 73 2.37 9.50 -14.26
C GLU A 73 3.73 9.02 -13.77
N TRP A 74 4.64 9.96 -13.49
CA TRP A 74 5.96 9.58 -13.00
C TRP A 74 5.86 8.80 -11.69
N PHE A 75 5.04 9.28 -10.76
CA PHE A 75 4.86 8.58 -9.49
C PHE A 75 4.32 7.18 -9.70
N PHE A 76 3.46 6.99 -10.70
CA PHE A 76 3.00 5.65 -11.03
C PHE A 76 4.11 4.83 -11.66
N LEU A 77 4.81 5.40 -12.64
CA LEU A 77 5.86 4.66 -13.33
C LEU A 77 7.01 4.31 -12.39
N ILE A 78 7.41 5.25 -11.54
CA ILE A 78 8.54 4.98 -10.64
C ILE A 78 8.12 3.98 -9.56
N SER A 79 6.85 3.96 -9.20
CA SER A 79 6.37 2.98 -8.21
C SER A 79 6.47 1.56 -8.76
N LYS A 80 6.02 1.37 -10.00
CA LYS A 80 6.08 0.03 -10.59
C LYS A 80 7.51 -0.44 -10.74
N GLU A 81 8.45 0.48 -10.88
CA GLU A 81 9.86 0.13 -10.97
C GLU A 81 10.48 -0.17 -9.61
N MET A 82 10.33 0.77 -8.67
CA MET A 82 10.99 0.62 -7.37
C MET A 82 10.51 -0.63 -6.64
N PHE A 83 9.23 -0.98 -6.78
CA PHE A 83 8.62 -2.07 -6.05
C PHE A 83 8.55 -3.35 -6.88
N ASN A 84 9.22 -3.39 -8.02
CA ASN A 84 9.32 -4.62 -8.80
C ASN A 84 10.15 -5.64 -8.02
N PRO A 85 9.60 -6.79 -7.65
CA PRO A 85 10.39 -7.78 -6.92
C PRO A 85 11.59 -8.30 -7.70
N TYR A 86 11.58 -8.22 -9.02
CA TYR A 86 12.72 -8.73 -9.80
CA TYR A 86 12.72 -8.72 -9.81
C TYR A 86 13.98 -7.92 -9.56
N TYR A 87 13.87 -6.72 -8.99
CA TYR A 87 15.05 -5.94 -8.64
C TYR A 87 15.65 -6.38 -7.31
N GLY A 88 14.91 -7.13 -6.51
CA GLY A 88 15.44 -7.72 -5.29
C GLY A 88 15.36 -6.83 -4.06
N LEU A 89 14.79 -5.63 -4.17
CA LEU A 89 14.70 -4.76 -3.01
C LEU A 89 13.47 -5.12 -2.16
N PHE A 90 12.29 -5.12 -2.77
CA PHE A 90 11.07 -5.54 -2.12
C PHE A 90 10.64 -6.91 -2.64
N GLU A 91 9.89 -7.63 -1.82
CA GLU A 91 9.37 -8.94 -2.20
C GLU A 91 7.95 -9.08 -1.67
N TYR A 92 7.21 -10.01 -2.26
CA TYR A 92 5.88 -10.32 -1.76
C TYR A 92 5.98 -11.01 -0.41
N SER A 93 5.15 -10.56 0.53
CA SER A 93 5.21 -11.08 1.90
C SER A 93 4.89 -12.56 1.98
N ALA A 94 4.21 -13.11 0.98
CA ALA A 94 3.87 -14.53 0.93
C ALA A 94 3.39 -14.83 -0.47
N THR A 95 3.47 -16.12 -0.84
CA THR A 95 3.03 -16.53 -2.17
C THR A 95 1.57 -16.18 -2.42
N ASP A 96 0.73 -16.22 -1.38
CA ASP A 96 -0.68 -15.90 -1.53
C ASP A 96 -1.00 -14.43 -1.27
N ASN A 97 -0.03 -13.64 -0.83
CA ASN A 97 -0.24 -12.22 -0.57
C ASN A 97 0.28 -11.38 -1.74
N TYR A 98 -0.29 -10.19 -1.88
CA TYR A 98 0.22 -9.18 -2.81
C TYR A 98 0.88 -8.02 -2.11
N THR A 99 0.82 -7.96 -0.78
CA THR A 99 1.53 -6.93 -0.02
C THR A 99 3.03 -7.16 -0.08
N LEU A 100 3.78 -6.08 0.04
CA LEU A 100 5.23 -6.10 -0.09
C LEU A 100 5.92 -5.95 1.26
N GLN A 101 7.09 -6.56 1.37
CA GLN A 101 8.00 -6.37 2.49
C GLN A 101 9.41 -6.19 1.93
N ILE A 102 10.31 -5.68 2.77
CA ILE A 102 11.70 -5.56 2.36
C ILE A 102 12.32 -6.95 2.27
N ASN A 103 13.04 -7.20 1.19
CA ASN A 103 13.73 -8.47 1.02
C ASN A 103 14.92 -8.53 1.97
N PRO A 104 15.01 -9.53 2.86
CA PRO A 104 16.21 -9.65 3.70
C PRO A 104 17.49 -9.82 2.89
N ASN A 105 17.43 -10.52 1.77
CA ASN A 105 18.59 -10.72 0.91
C ASN A 105 18.77 -9.59 -0.11
N SER A 106 18.25 -8.39 0.21
CA SER A 106 18.31 -7.28 -0.73
CA SER A 106 18.31 -7.27 -0.73
C SER A 106 19.74 -6.96 -1.15
N GLY A 107 20.72 -7.14 -0.25
CA GLY A 107 22.08 -6.81 -0.57
C GLY A 107 22.80 -7.82 -1.44
N LEU A 108 22.30 -9.05 -1.50
CA LEU A 108 23.03 -10.12 -2.21
C LEU A 108 23.31 -9.74 -3.65
N CYS A 109 22.33 -9.15 -4.34
CA CYS A 109 22.53 -8.75 -5.73
C CYS A 109 22.72 -7.25 -5.89
N ASN A 110 22.34 -6.46 -4.91
CA ASN A 110 22.51 -5.01 -4.93
C ASN A 110 23.48 -4.65 -3.81
N GLU A 111 24.77 -4.63 -4.14
CA GLU A 111 25.76 -4.19 -3.17
C GLU A 111 25.45 -2.79 -2.66
N ASP A 112 24.96 -1.92 -3.56
CA ASP A 112 24.58 -0.55 -3.22
C ASP A 112 23.11 -0.44 -2.81
N HIS A 113 22.54 -1.48 -2.20
CA HIS A 113 21.10 -1.48 -1.94
C HIS A 113 20.70 -0.41 -0.94
N LEU A 114 21.59 -0.02 -0.03
CA LEU A 114 21.20 0.93 1.00
C LEU A 114 20.94 2.32 0.41
N SER A 115 21.70 2.71 -0.62
CA SER A 115 21.39 3.98 -1.28
C SER A 115 20.13 3.88 -2.13
N TYR A 116 19.82 2.66 -2.63
CA TYR A 116 18.56 2.48 -3.34
C TYR A 116 17.38 2.69 -2.41
N PHE A 117 17.46 2.19 -1.17
CA PHE A 117 16.35 2.35 -0.23
C PHE A 117 16.20 3.80 0.19
N LYS A 118 17.32 4.52 0.36
CA LYS A 118 17.24 5.94 0.63
C LYS A 118 16.56 6.67 -0.52
N PHE A 119 16.85 6.25 -1.76
CA PHE A 119 16.18 6.83 -2.91
C PHE A 119 14.68 6.56 -2.86
N ILE A 120 14.30 5.32 -2.56
CA ILE A 120 12.88 5.00 -2.45
C ILE A 120 12.23 5.82 -1.34
N GLY A 121 12.95 6.03 -0.24
CA GLY A 121 12.42 6.87 0.82
C GLY A 121 12.17 8.30 0.36
N ARG A 122 13.13 8.87 -0.38
CA ARG A 122 12.95 10.22 -0.90
C ARG A 122 11.74 10.30 -1.83
N VAL A 123 11.56 9.31 -2.70
CA VAL A 123 10.41 9.31 -3.60
C VAL A 123 9.12 9.20 -2.80
N ALA A 124 9.10 8.34 -1.77
CA ALA A 124 7.93 8.21 -0.92
C ALA A 124 7.65 9.52 -0.19
N GLY A 125 8.70 10.16 0.34
CA GLY A 125 8.52 11.47 0.96
C GLY A 125 8.05 12.52 -0.03
N MET A 126 8.54 12.44 -1.27
CA MET A 126 8.10 13.38 -2.31
C MET A 126 6.62 13.22 -2.60
N ALA A 127 6.14 11.97 -2.67
CA ALA A 127 4.72 11.74 -2.92
C ALA A 127 3.85 12.34 -1.82
N VAL A 128 4.25 12.14 -0.57
CA VAL A 128 3.50 12.70 0.55
C VAL A 128 3.57 14.22 0.52
N TYR A 129 4.77 14.77 0.30
CA TYR A 129 4.93 16.22 0.31
C TYR A 129 4.13 16.89 -0.79
N HIS A 130 4.06 16.27 -1.96
CA HIS A 130 3.38 16.85 -3.11
C HIS A 130 1.94 16.38 -3.27
N GLY A 131 1.40 15.69 -2.28
CA GLY A 131 0.02 15.26 -2.34
C GLY A 131 -0.28 14.22 -3.40
N LYS A 132 0.71 13.41 -3.76
CA LYS A 132 0.52 12.34 -4.73
C LYS A 132 0.67 11.00 -4.05
N LEU A 133 0.13 9.97 -4.69
CA LEU A 133 0.12 8.63 -4.12
C LEU A 133 1.17 7.76 -4.78
N LEU A 134 1.72 6.83 -3.98
CA LEU A 134 2.57 5.77 -4.50
C LEU A 134 1.70 4.59 -4.92
N ASP A 135 2.15 3.86 -5.92
CA ASP A 135 1.46 2.67 -6.40
C ASP A 135 2.15 1.44 -5.82
N GLY A 136 1.59 0.93 -4.73
CA GLY A 136 2.14 -0.24 -4.06
C GLY A 136 1.67 -0.27 -2.63
N PHE A 137 1.47 -1.45 -2.07
CA PHE A 137 1.05 -1.56 -0.69
C PHE A 137 1.95 -2.53 0.06
N PHE A 138 2.31 -2.12 1.27
CA PHE A 138 3.25 -2.85 2.10
C PHE A 138 2.51 -3.51 3.26
N ILE A 139 3.19 -4.47 3.88
CA ILE A 139 2.65 -5.09 5.08
C ILE A 139 2.51 -4.02 6.16
N ARG A 140 1.58 -4.25 7.10
CA ARG A 140 1.38 -3.27 8.16
C ARG A 140 2.62 -3.03 9.01
N PRO A 141 3.47 -4.03 9.33
CA PRO A 141 4.71 -3.70 10.04
C PRO A 141 5.58 -2.66 9.35
N PHE A 142 5.52 -2.58 8.02
CA PHE A 142 6.27 -1.54 7.32
C PHE A 142 5.84 -0.16 7.77
N TYR A 143 4.53 0.11 7.75
CA TYR A 143 4.04 1.43 8.16
C TYR A 143 4.30 1.70 9.63
N LYS A 144 4.32 0.66 10.46
CA LYS A 144 4.55 0.86 11.89
C LYS A 144 6.01 1.19 12.18
N MET A 145 6.94 0.60 11.41
CA MET A 145 8.35 0.96 11.57
C MET A 145 8.59 2.40 11.16
N MET A 146 7.88 2.88 10.14
CA MET A 146 7.96 4.28 9.76
C MET A 146 7.57 5.19 10.93
N LEU A 147 6.56 4.79 11.70
CA LEU A 147 6.05 5.58 12.81
C LEU A 147 6.72 5.24 14.14
N HIS A 148 7.75 4.38 14.12
CA HIS A 148 8.40 3.92 15.34
C HIS A 148 7.40 3.27 16.29
N LYS A 149 6.41 2.56 15.72
CA LYS A 149 5.49 1.81 16.54
C LYS A 149 5.97 0.37 16.68
N PRO A 150 5.78 -0.26 17.85
CA PRO A 150 6.27 -1.63 18.02
C PRO A 150 5.49 -2.63 17.19
N ILE A 151 6.20 -3.61 16.65
CA ILE A 151 5.56 -4.70 15.91
C ILE A 151 4.99 -5.69 16.91
N THR A 152 3.71 -5.99 16.79
CA THR A 152 3.00 -6.86 17.72
C THR A 152 2.61 -8.16 17.05
N LEU A 153 2.11 -9.08 17.88
CA LEU A 153 1.66 -10.38 17.37
C LEU A 153 0.46 -10.22 16.45
N HIS A 154 -0.37 -9.20 16.69
CA HIS A 154 -1.52 -8.97 15.80
C HIS A 154 -1.08 -8.71 14.37
N ASP A 155 0.06 -8.04 14.20
CA ASP A 155 0.57 -7.77 12.86
C ASP A 155 0.88 -9.07 12.11
N MET A 156 1.18 -10.14 12.84
CA MET A 156 1.44 -11.42 12.20
C MET A 156 0.18 -11.98 11.54
N GLU A 157 -1.00 -11.66 12.08
CA GLU A 157 -2.24 -12.19 11.52
C GLU A 157 -2.45 -11.69 10.10
N SER A 158 -2.27 -10.38 9.88
CA SER A 158 -2.48 -9.80 8.55
C SER A 158 -1.50 -10.33 7.51
N VAL A 159 -0.44 -11.02 7.92
CA VAL A 159 0.57 -11.52 7.01
C VAL A 159 0.53 -13.05 6.91
N ASP A 160 0.61 -13.73 8.05
CA ASP A 160 0.60 -15.20 8.09
C ASP A 160 -0.37 -15.64 9.18
N SER A 161 -1.50 -16.21 8.75
CA SER A 161 -2.55 -16.57 9.70
C SER A 161 -2.19 -17.83 10.48
N GLU A 162 -1.52 -18.79 9.83
CA GLU A 162 -1.25 -20.07 10.49
C GLU A 162 -0.20 -19.93 11.59
N TYR A 163 0.85 -19.13 11.35
CA TYR A 163 1.82 -18.89 12.41
C TYR A 163 1.26 -17.98 13.49
N TYR A 164 0.40 -17.03 13.11
CA TYR A 164 -0.27 -16.21 14.11
C TYR A 164 -1.10 -17.07 15.05
N ASN A 165 -1.82 -18.06 14.49
CA ASN A 165 -2.59 -18.97 15.33
C ASN A 165 -1.69 -19.75 16.28
N SER A 166 -0.54 -20.20 15.80
CA SER A 166 0.38 -20.96 16.65
C SER A 166 0.91 -20.10 17.79
N LEU A 167 1.32 -18.86 17.48
CA LEU A 167 1.84 -17.99 18.52
C LEU A 167 0.75 -17.55 19.49
N ARG A 168 -0.49 -17.39 19.00
CA ARG A 168 -1.58 -17.05 19.91
C ARG A 168 -1.89 -18.21 20.85
N TRP A 169 -1.80 -19.44 20.34
CA TRP A 169 -1.93 -20.61 21.20
C TRP A 169 -0.89 -20.58 22.32
N ILE A 170 0.38 -20.33 21.96
CA ILE A 170 1.45 -20.28 22.95
C ILE A 170 1.14 -19.22 24.00
N LEU A 171 0.64 -18.06 23.57
CA LEU A 171 0.35 -16.99 24.53
C LEU A 171 -0.76 -17.37 25.48
N GLU A 172 -1.74 -18.15 25.03
CA GLU A 172 -2.93 -18.44 25.82
C GLU A 172 -2.81 -19.69 26.68
N ASN A 173 -1.83 -20.56 26.41
CA ASN A 173 -1.70 -21.82 27.13
C ASN A 173 -0.26 -22.00 27.58
N ASP A 174 -0.06 -22.88 28.56
CA ASP A 174 1.29 -23.23 29.00
C ASP A 174 1.96 -24.07 27.92
N PRO A 175 3.04 -23.59 27.29
CA PRO A 175 3.69 -24.35 26.22
C PRO A 175 4.81 -25.29 26.68
N THR A 176 4.99 -25.47 27.99
CA THR A 176 6.17 -26.17 28.49
C THR A 176 6.24 -27.60 27.98
N GLU A 177 5.10 -28.30 27.93
CA GLU A 177 5.13 -29.72 27.57
C GLU A 177 5.43 -29.94 26.09
N LEU A 178 5.27 -28.93 25.25
CA LEU A 178 5.65 -29.06 23.85
C LEU A 178 7.17 -29.04 23.66
N ASP A 179 7.92 -28.65 24.68
CA ASP A 179 9.38 -28.63 24.63
C ASP A 179 9.89 -27.76 23.48
N LEU A 180 9.20 -26.64 23.26
CA LEU A 180 9.68 -25.67 22.28
C LEU A 180 10.96 -25.02 22.78
N ARG A 181 11.88 -24.77 21.87
CA ARG A 181 13.14 -24.12 22.19
C ARG A 181 13.19 -22.74 21.55
N PHE A 182 14.14 -21.93 22.04
CA PHE A 182 14.33 -20.57 21.53
C PHE A 182 15.10 -20.62 20.21
N ILE A 183 14.48 -21.27 19.22
CA ILE A 183 15.04 -21.39 17.88
C ILE A 183 13.93 -21.16 16.85
N ILE A 184 14.35 -20.88 15.62
CA ILE A 184 13.42 -20.67 14.51
C ILE A 184 13.89 -21.54 13.34
N ASP A 185 12.97 -22.31 12.77
CA ASP A 185 13.25 -23.12 11.59
C ASP A 185 12.52 -22.55 10.40
N GLU A 186 13.25 -22.29 9.33
CA GLU A 186 12.71 -21.71 8.11
C GLU A 186 12.91 -22.68 6.96
N GLU A 187 11.90 -22.78 6.09
CA GLU A 187 11.90 -23.71 4.97
C GLU A 187 12.29 -22.96 3.70
N LEU A 188 13.57 -23.03 3.35
CA LEU A 188 14.09 -22.36 2.17
C LEU A 188 14.81 -23.36 1.28
N PHE A 189 14.39 -23.43 0.01
CA PHE A 189 15.05 -24.24 -1.01
C PHE A 189 15.06 -25.73 -0.61
N GLY A 190 13.95 -26.18 -0.05
CA GLY A 190 13.80 -27.58 0.32
C GLY A 190 14.68 -28.02 1.47
N GLN A 191 15.10 -27.09 2.33
CA GLN A 191 16.02 -27.41 3.41
C GLN A 191 15.61 -26.64 4.67
N THR A 192 15.87 -27.26 5.82
CA THR A 192 15.60 -26.62 7.10
C THR A 192 16.76 -25.72 7.49
N HIS A 193 16.44 -24.48 7.87
CA HIS A 193 17.40 -23.53 8.39
C HIS A 193 17.04 -23.23 9.84
N GLN A 194 17.89 -23.67 10.76
CA GLN A 194 17.67 -23.40 12.18
C GLN A 194 18.45 -22.17 12.61
N HIS A 195 17.77 -21.34 13.39
CA HIS A 195 18.34 -20.15 14.00
C HIS A 195 17.89 -20.15 15.44
N GLU A 196 18.81 -20.45 16.35
CA GLU A 196 18.60 -20.13 17.76
C GLU A 196 18.00 -18.73 17.86
N LEU A 197 17.32 -18.43 18.99
CA LEU A 197 16.75 -17.10 19.12
C LEU A 197 17.46 -16.20 20.09
N LYS A 198 18.27 -16.76 20.96
CA LYS A 198 19.24 -16.03 21.74
C LYS A 198 20.38 -17.01 21.93
N ASN A 199 21.46 -16.53 22.54
CA ASN A 199 22.62 -17.39 22.76
C ASN A 199 22.23 -18.64 23.52
N GLY A 200 22.63 -19.80 22.99
CA GLY A 200 22.23 -21.06 23.58
C GLY A 200 20.76 -21.35 23.48
N GLY A 201 20.08 -20.80 22.47
CA GLY A 201 18.63 -20.90 22.41
C GLY A 201 18.11 -22.32 22.29
N SER A 202 18.89 -23.21 21.67
CA SER A 202 18.43 -24.58 21.49
C SER A 202 18.23 -25.32 22.80
N GLU A 203 18.86 -24.86 23.88
CA GLU A 203 18.74 -25.51 25.18
C GLU A 203 17.76 -24.80 26.12
N ILE A 204 17.10 -23.73 25.66
CA ILE A 204 16.20 -22.96 26.50
C ILE A 204 14.76 -23.35 26.16
N VAL A 205 14.05 -23.88 27.15
CA VAL A 205 12.68 -24.34 26.95
C VAL A 205 11.73 -23.15 27.08
N VAL A 206 10.77 -23.07 26.16
CA VAL A 206 9.76 -22.01 26.19
C VAL A 206 8.73 -22.37 27.25
N THR A 207 8.71 -21.60 28.34
CA THR A 207 7.77 -21.79 29.43
C THR A 207 6.90 -20.55 29.58
N ASN A 208 6.01 -20.59 30.58
CA ASN A 208 5.14 -19.45 30.84
C ASN A 208 5.95 -18.22 31.25
N LYS A 209 7.10 -18.43 31.89
CA LYS A 209 7.88 -17.33 32.43
C LYS A 209 8.64 -16.55 31.36
N ASN A 210 8.95 -17.17 30.22
CA ASN A 210 9.75 -16.50 29.19
C ASN A 210 9.06 -16.45 27.83
N LYS A 211 7.76 -16.76 27.76
CA LYS A 211 7.12 -16.87 26.44
C LYS A 211 6.86 -15.50 25.83
N LYS A 212 6.61 -14.47 26.64
CA LYS A 212 6.47 -13.13 26.09
C LYS A 212 7.75 -12.71 25.37
N GLU A 213 8.90 -12.98 25.98
CA GLU A 213 10.18 -12.76 25.31
C GLU A 213 10.29 -13.60 24.05
N TYR A 214 9.86 -14.87 24.13
CA TYR A 214 9.92 -15.74 22.95
C TYR A 214 9.11 -15.16 21.80
N ILE A 215 7.85 -14.80 22.06
CA ILE A 215 7.00 -14.26 21.00
C ILE A 215 7.61 -12.98 20.44
N TYR A 216 8.10 -12.10 21.32
CA TYR A 216 8.74 -10.88 20.86
C TYR A 216 9.93 -11.19 19.95
N LEU A 217 10.75 -12.17 20.32
CA LEU A 217 11.92 -12.48 19.51
C LEU A 217 11.53 -13.08 18.16
N VAL A 218 10.45 -13.87 18.13
CA VAL A 218 9.97 -14.39 16.86
C VAL A 218 9.43 -13.27 15.98
N ILE A 219 8.72 -12.32 16.59
CA ILE A 219 8.20 -11.18 15.84
C ILE A 219 9.33 -10.38 15.21
N GLN A 220 10.38 -10.09 16.00
CA GLN A 220 11.51 -9.33 15.48
C GLN A 220 12.21 -10.08 14.35
N TRP A 221 12.41 -11.39 14.51
CA TRP A 221 13.06 -12.17 13.46
C TRP A 221 12.27 -12.14 12.16
N ARG A 222 10.94 -12.14 12.26
CA ARG A 222 10.13 -12.24 11.05
C ARG A 222 10.08 -10.92 10.29
N PHE A 223 10.04 -9.79 11.02
CA PHE A 223 9.72 -8.51 10.39
C PHE A 223 10.80 -7.44 10.48
N VAL A 224 11.78 -7.56 11.38
CA VAL A 224 12.65 -6.44 11.73
C VAL A 224 14.12 -6.79 11.53
N ASN A 225 14.58 -7.89 12.14
CA ASN A 225 16.01 -8.06 12.39
C ASN A 225 16.84 -8.01 11.11
N ARG A 226 16.41 -8.70 10.06
CA ARG A 226 17.22 -8.79 8.85
C ARG A 226 17.02 -7.62 7.90
N ILE A 227 16.21 -6.62 8.25
CA ILE A 227 15.93 -5.52 7.34
C ILE A 227 16.14 -4.18 8.02
N GLN A 228 16.84 -4.16 9.15
CA GLN A 228 16.99 -2.92 9.91
C GLN A 228 17.78 -1.87 9.15
N LYS A 229 18.80 -2.28 8.41
CA LYS A 229 19.61 -1.30 7.68
C LYS A 229 18.86 -0.77 6.46
N GLN A 230 18.15 -1.64 5.75
CA GLN A 230 17.35 -1.19 4.62
C GLN A 230 16.25 -0.24 5.07
N MET A 231 15.54 -0.59 6.16
CA MET A 231 14.48 0.28 6.64
C MET A 231 15.04 1.60 7.16
N ALA A 232 16.17 1.56 7.87
CA ALA A 232 16.80 2.79 8.34
C ALA A 232 17.15 3.70 7.18
N ALA A 233 17.66 3.12 6.09
CA ALA A 233 18.00 3.91 4.92
C ALA A 233 16.75 4.49 4.25
N PHE A 234 15.67 3.70 4.22
CA PHE A 234 14.41 4.21 3.68
C PHE A 234 13.89 5.36 4.52
N LYS A 235 13.85 5.19 5.85
CA LYS A 235 13.36 6.24 6.73
C LYS A 235 14.21 7.49 6.62
N GLU A 236 15.53 7.32 6.44
CA GLU A 236 16.40 8.48 6.28
C GLU A 236 16.01 9.31 5.08
N GLY A 237 15.71 8.65 3.95
CA GLY A 237 15.27 9.40 2.78
C GLY A 237 13.89 10.00 2.96
N PHE A 238 12.99 9.27 3.62
CA PHE A 238 11.64 9.79 3.85
C PHE A 238 11.66 11.02 4.74
N PHE A 239 12.42 10.96 5.84
CA PHE A 239 12.44 12.08 6.77
C PHE A 239 13.19 13.28 6.23
N GLU A 240 13.93 13.14 5.12
CA GLU A 240 14.48 14.28 4.43
C GLU A 240 13.40 15.11 3.75
N LEU A 241 12.20 14.56 3.56
CA LEU A 241 11.08 15.24 2.93
C LEU A 241 9.98 15.57 3.91
N ILE A 242 9.69 14.69 4.86
CA ILE A 242 8.65 14.87 5.86
C ILE A 242 9.30 14.75 7.23
N PRO A 243 9.21 15.78 8.08
CA PRO A 243 9.74 15.65 9.44
C PRO A 243 9.07 14.50 10.17
N GLN A 244 9.88 13.71 10.88
CA GLN A 244 9.39 12.45 11.42
C GLN A 244 8.45 12.65 12.61
N ASP A 245 8.51 13.80 13.29
CA ASP A 245 7.51 14.08 14.32
C ASP A 245 6.19 14.52 13.70
N LEU A 246 6.21 15.06 12.48
CA LEU A 246 4.95 15.40 11.82
C LEU A 246 4.21 14.16 11.37
N ILE A 247 4.93 13.15 10.86
CA ILE A 247 4.28 11.94 10.39
C ILE A 247 3.64 11.16 11.53
N LYS A 248 4.08 11.38 12.77
CA LYS A 248 3.61 10.60 13.91
C LYS A 248 2.22 10.99 14.38
N ILE A 249 1.59 11.99 13.78
CA ILE A 249 0.20 12.27 14.13
C ILE A 249 -0.73 11.21 13.56
N PHE A 250 -0.29 10.47 12.54
CA PHE A 250 -1.09 9.42 11.93
C PHE A 250 -0.76 8.07 12.55
N ASP A 251 -1.75 7.18 12.54
CA ASP A 251 -1.48 5.78 12.86
C ASP A 251 -1.13 5.03 11.59
N GLU A 252 -0.88 3.73 11.72
CA GLU A 252 -0.43 2.94 10.58
C GLU A 252 -1.46 2.92 9.46
N ASN A 253 -2.75 2.80 9.82
CA ASN A 253 -3.80 2.76 8.79
C ASN A 253 -3.94 4.10 8.08
N GLU A 254 -3.92 5.20 8.84
CA GLU A 254 -4.00 6.51 8.22
C GLU A 254 -2.80 6.77 7.32
N LEU A 255 -1.60 6.34 7.77
CA LEU A 255 -0.40 6.55 6.97
C LEU A 255 -0.47 5.81 5.64
N GLU A 256 -0.96 4.56 5.66
CA GLU A 256 -1.10 3.81 4.41
C GLU A 256 -2.07 4.50 3.46
N LEU A 257 -3.21 4.96 3.99
CA LEU A 257 -4.15 5.71 3.18
C LEU A 257 -3.52 6.97 2.60
N LEU A 258 -2.71 7.66 3.41
CA LEU A 258 -2.09 8.90 2.96
C LEU A 258 -1.05 8.65 1.89
N MET A 259 -0.21 7.62 2.06
CA MET A 259 0.91 7.38 1.15
C MET A 259 0.47 6.66 -0.11
N CYS A 260 -0.36 5.62 0.02
CA CYS A 260 -0.66 4.74 -1.08
C CYS A 260 -2.13 4.73 -1.45
N GLY A 261 -2.97 5.48 -0.74
CA GLY A 261 -4.40 5.52 -1.01
C GLY A 261 -5.05 4.16 -0.84
N LEU A 262 -4.87 3.54 0.32
CA LEU A 262 -5.28 2.15 0.46
C LEU A 262 -5.74 1.85 1.87
N GLY A 263 -6.62 0.87 1.97
CA GLY A 263 -7.18 0.44 3.24
C GLY A 263 -8.27 -0.57 3.00
N ASP A 264 -9.01 -0.87 4.07
CA ASP A 264 -10.13 -1.78 3.96
C ASP A 264 -11.35 -1.05 3.40
N VAL A 265 -12.04 -1.70 2.47
CA VAL A 265 -13.28 -1.19 1.90
C VAL A 265 -14.39 -2.09 2.41
N ASP A 266 -15.15 -1.60 3.40
CA ASP A 266 -16.26 -2.37 3.95
C ASP A 266 -17.31 -2.58 2.87
N VAL A 267 -17.34 -3.79 2.29
CA VAL A 267 -18.26 -4.08 1.19
C VAL A 267 -19.71 -3.97 1.65
N ASN A 268 -19.98 -4.25 2.92
CA ASN A 268 -21.32 -4.06 3.44
C ASN A 268 -21.75 -2.60 3.34
N ASP A 269 -21.02 -1.70 4.01
CA ASP A 269 -21.32 -0.28 3.94
C ASP A 269 -21.48 0.19 2.49
N TRP A 270 -20.69 -0.38 1.58
CA TRP A 270 -20.89 -0.15 0.16
C TRP A 270 -22.28 -0.62 -0.29
N ARG A 271 -22.69 -1.80 0.17
CA ARG A 271 -23.94 -2.41 -0.29
C ARG A 271 -25.15 -1.60 0.15
N GLU A 272 -25.26 -1.32 1.45
CA GLU A 272 -26.49 -0.72 1.99
C GLU A 272 -26.75 0.68 1.45
N HIS A 273 -25.72 1.36 0.96
CA HIS A 273 -25.87 2.72 0.42
C HIS A 273 -25.73 2.73 -1.10
N THR A 274 -26.22 1.68 -1.74
CA THR A 274 -26.22 1.53 -3.19
C THR A 274 -27.66 1.61 -3.70
N LYS A 275 -27.87 2.32 -4.80
CA LYS A 275 -29.19 2.48 -5.40
C LYS A 275 -29.19 1.90 -6.81
N TYR A 276 -30.35 1.46 -7.28
CA TYR A 276 -30.45 0.76 -8.55
C TYR A 276 -31.44 1.44 -9.47
N LYS A 277 -31.16 1.38 -10.77
CA LYS A 277 -31.97 2.03 -11.79
C LYS A 277 -32.42 1.02 -12.83
N ASN A 278 -33.54 1.36 -13.49
CA ASN A 278 -34.01 0.64 -14.67
C ASN A 278 -34.12 -0.87 -14.43
N GLY A 279 -34.77 -1.22 -13.32
CA GLY A 279 -35.16 -2.60 -13.07
C GLY A 279 -34.27 -3.36 -12.12
N TYR A 280 -33.05 -2.89 -11.87
CA TYR A 280 -32.18 -3.58 -10.93
C TYR A 280 -32.68 -3.43 -9.51
N SER A 281 -32.31 -4.37 -8.66
CA SER A 281 -32.70 -4.36 -7.25
C SER A 281 -31.67 -5.17 -6.47
N ALA A 282 -31.73 -5.05 -5.14
CA ALA A 282 -30.78 -5.78 -4.30
C ALA A 282 -30.95 -7.28 -4.45
N ASN A 283 -32.18 -7.76 -4.65
CA ASN A 283 -32.46 -9.17 -4.79
C ASN A 283 -32.31 -9.67 -6.23
N HIS A 284 -32.12 -8.76 -7.19
CA HIS A 284 -31.90 -9.16 -8.58
C HIS A 284 -30.66 -10.04 -8.69
N GLN A 285 -30.73 -11.03 -9.58
CA GLN A 285 -29.66 -12.04 -9.61
C GLN A 285 -28.37 -11.49 -10.17
N VAL A 286 -28.44 -10.56 -11.13
CA VAL A 286 -27.22 -9.93 -11.62
C VAL A 286 -26.58 -9.11 -10.51
N ILE A 287 -27.39 -8.48 -9.66
CA ILE A 287 -26.85 -7.65 -8.59
C ILE A 287 -26.18 -8.51 -7.52
N GLN A 288 -26.79 -9.64 -7.16
CA GLN A 288 -26.15 -10.52 -6.19
C GLN A 288 -24.93 -11.21 -6.78
N TRP A 289 -24.84 -11.31 -8.12
CA TRP A 289 -23.59 -11.74 -8.74
C TRP A 289 -22.55 -10.63 -8.65
N PHE A 290 -22.97 -9.38 -8.89
CA PHE A 290 -22.07 -8.25 -8.79
C PHE A 290 -21.45 -8.15 -7.40
N TRP A 291 -22.26 -8.33 -6.35
CA TRP A 291 -21.75 -8.14 -5.00
C TRP A 291 -20.82 -9.27 -4.58
N LYS A 292 -21.05 -10.50 -5.03
CA LYS A 292 -20.12 -11.54 -4.65
C LYS A 292 -18.88 -11.54 -5.54
N ALA A 293 -18.98 -10.95 -6.73
CA ALA A 293 -17.79 -10.64 -7.50
C ALA A 293 -16.90 -9.66 -6.73
N VAL A 294 -17.49 -8.57 -6.24
CA VAL A 294 -16.73 -7.57 -5.50
C VAL A 294 -16.22 -8.17 -4.18
N LEU A 295 -17.01 -9.06 -3.58
CA LEU A 295 -16.58 -9.70 -2.34
C LEU A 295 -15.29 -10.48 -2.55
N MET A 296 -15.25 -11.34 -3.56
CA MET A 296 -14.06 -12.15 -3.81
C MET A 296 -12.97 -11.38 -4.56
N MET A 297 -13.16 -10.10 -4.83
CA MET A 297 -12.09 -9.28 -5.38
C MET A 297 -11.12 -8.88 -4.27
N ASP A 298 -9.84 -8.82 -4.61
CA ASP A 298 -8.84 -8.41 -3.63
C ASP A 298 -9.04 -6.95 -3.25
N SER A 299 -8.47 -6.56 -2.11
CA SER A 299 -8.70 -5.22 -1.57
C SER A 299 -8.24 -4.14 -2.54
N GLU A 300 -7.23 -4.42 -3.36
CA GLU A 300 -6.78 -3.44 -4.34
C GLU A 300 -7.79 -3.26 -5.45
N LYS A 301 -8.36 -4.36 -5.96
CA LYS A 301 -9.30 -4.26 -7.07
C LYS A 301 -10.64 -3.68 -6.63
N ARG A 302 -11.02 -3.89 -5.37
CA ARG A 302 -12.17 -3.18 -4.82
C ARG A 302 -11.96 -1.68 -4.91
N ILE A 303 -10.74 -1.22 -4.65
CA ILE A 303 -10.42 0.20 -4.76
C ILE A 303 -10.47 0.64 -6.22
N ARG A 304 -9.83 -0.13 -7.11
CA ARG A 304 -9.81 0.23 -8.52
C ARG A 304 -11.21 0.26 -9.11
N LEU A 305 -12.12 -0.56 -8.59
CA LEU A 305 -13.50 -0.52 -9.04
C LEU A 305 -14.17 0.80 -8.63
N LEU A 306 -13.99 1.20 -7.38
CA LEU A 306 -14.57 2.45 -6.91
C LEU A 306 -14.05 3.64 -7.72
N GLN A 307 -12.74 3.66 -7.99
CA GLN A 307 -12.17 4.72 -8.83
C GLN A 307 -12.84 4.73 -10.20
N PHE A 308 -13.09 3.56 -10.77
CA PHE A 308 -13.69 3.47 -12.09
C PHE A 308 -15.08 4.10 -12.11
N VAL A 309 -15.85 3.90 -11.04
CA VAL A 309 -17.21 4.42 -10.98
C VAL A 309 -17.25 5.83 -10.42
N THR A 310 -16.38 6.15 -9.46
CA THR A 310 -16.39 7.47 -8.83
C THR A 310 -15.52 8.48 -9.58
N GLY A 311 -14.33 8.07 -10.03
CA GLY A 311 -13.35 8.98 -10.56
C GLY A 311 -12.30 9.40 -9.56
N THR A 312 -12.42 8.98 -8.31
CA THR A 312 -11.45 9.27 -7.26
C THR A 312 -11.08 7.97 -6.55
N SER A 313 -9.98 8.03 -5.80
CA SER A 313 -9.46 6.84 -5.13
C SER A 313 -9.99 6.66 -3.73
N ARG A 314 -10.36 7.74 -3.05
CA ARG A 314 -10.69 7.70 -1.63
C ARG A 314 -12.14 7.34 -1.40
N VAL A 315 -12.42 6.81 -0.21
CA VAL A 315 -13.78 6.61 0.26
C VAL A 315 -14.14 7.80 1.14
N PRO A 316 -15.36 8.33 1.05
CA PRO A 316 -15.71 9.50 1.86
C PRO A 316 -15.84 9.14 3.33
N MET A 317 -15.54 10.13 4.18
CA MET A 317 -15.65 9.93 5.62
C MET A 317 -17.07 9.55 6.00
N ASN A 318 -17.20 8.83 7.11
CA ASN A 318 -18.45 8.31 7.67
C ASN A 318 -19.07 7.23 6.79
N GLY A 319 -18.43 6.81 5.72
CA GLY A 319 -18.91 5.72 4.90
C GLY A 319 -19.42 6.17 3.54
N PHE A 320 -20.17 5.27 2.91
CA PHE A 320 -20.69 5.49 1.56
C PHE A 320 -21.97 6.31 1.54
N ALA A 321 -22.54 6.64 2.70
CA ALA A 321 -23.75 7.44 2.74
C ALA A 321 -23.50 8.91 2.42
N GLU A 322 -22.26 9.38 2.59
CA GLU A 322 -21.90 10.77 2.28
C GLU A 322 -21.11 10.88 0.98
N LEU A 323 -21.28 9.92 0.09
CA LEU A 323 -20.54 9.93 -1.17
C LEU A 323 -21.07 11.05 -2.06
N TYR A 324 -20.16 11.73 -2.75
CA TYR A 324 -20.49 12.88 -3.58
C TYR A 324 -20.15 12.64 -5.04
N GLY A 325 -20.91 13.26 -5.93
CA GLY A 325 -20.63 13.21 -7.35
C GLY A 325 -20.03 14.51 -7.85
N SER A 326 -20.62 15.08 -8.92
CA SER A 326 -20.16 16.35 -9.45
C SER A 326 -21.18 17.48 -9.31
N ASN A 327 -22.44 17.16 -9.04
CA ASN A 327 -23.49 18.16 -8.88
C ASN A 327 -24.21 17.96 -7.55
N GLY A 328 -23.47 17.62 -6.51
CA GLY A 328 -24.05 17.42 -5.20
C GLY A 328 -23.97 15.99 -4.72
N PRO A 329 -24.70 15.69 -3.65
CA PRO A 329 -24.65 14.32 -3.10
C PRO A 329 -25.27 13.30 -4.03
N GLN A 330 -24.66 12.11 -4.03
CA GLN A 330 -25.13 10.99 -4.84
C GLN A 330 -24.56 9.68 -4.35
N SER A 331 -25.42 8.73 -3.99
CA SER A 331 -24.93 7.44 -3.57
C SER A 331 -24.47 6.61 -4.77
N PHE A 332 -23.78 5.52 -4.46
CA PHE A 332 -23.32 4.57 -5.45
C PHE A 332 -24.52 3.91 -6.12
N THR A 333 -24.52 3.85 -7.47
CA THR A 333 -25.69 3.47 -8.25
C THR A 333 -25.33 2.48 -9.34
N VAL A 334 -26.10 1.40 -9.47
CA VAL A 334 -25.93 0.41 -10.55
C VAL A 334 -27.18 0.45 -11.42
N GLU A 335 -26.99 0.70 -12.70
CA GLU A 335 -28.07 0.78 -13.66
C GLU A 335 -27.97 -0.29 -14.73
N GLN A 336 -29.12 -0.90 -15.03
CA GLN A 336 -29.27 -1.75 -16.20
C GLN A 336 -28.99 -0.95 -17.45
N TRP A 337 -27.88 -1.23 -18.11
CA TRP A 337 -27.67 -0.56 -19.39
C TRP A 337 -27.01 -1.52 -20.35
N GLY A 338 -27.59 -1.62 -21.53
CA GLY A 338 -26.96 -2.32 -22.61
C GLY A 338 -27.31 -3.79 -22.68
N THR A 339 -26.45 -4.47 -23.41
CA THR A 339 -26.54 -5.84 -23.87
C THR A 339 -25.39 -6.65 -23.31
N PRO A 340 -25.59 -7.95 -23.08
CA PRO A 340 -24.53 -8.79 -22.50
C PRO A 340 -23.18 -8.73 -23.20
N GLU A 341 -23.14 -8.36 -24.48
CA GLU A 341 -21.84 -8.40 -25.16
C GLU A 341 -20.98 -7.19 -24.80
N LYS A 342 -21.56 -6.17 -24.19
CA LYS A 342 -20.72 -5.04 -23.81
C LYS A 342 -20.26 -5.14 -22.36
N LEU A 343 -19.13 -4.51 -22.13
CA LEU A 343 -18.44 -4.21 -20.89
C LEU A 343 -19.16 -3.08 -20.17
N PRO A 344 -19.09 -3.05 -18.84
CA PRO A 344 -19.74 -1.96 -18.11
C PRO A 344 -19.05 -0.64 -18.39
N ARG A 345 -19.85 0.42 -18.46
CA ARG A 345 -19.35 1.78 -18.48
C ARG A 345 -19.79 2.48 -17.21
N ALA A 346 -18.98 3.43 -16.76
CA ALA A 346 -19.27 4.21 -15.57
C ALA A 346 -19.35 5.68 -15.95
N HIS A 347 -20.26 6.40 -15.31
CA HIS A 347 -20.42 7.84 -15.51
C HIS A 347 -19.89 8.55 -14.27
N THR A 348 -18.82 9.33 -14.45
CA THR A 348 -18.09 9.91 -13.34
C THR A 348 -19.00 10.74 -12.43
N CYS A 349 -19.75 11.67 -13.02
CA CYS A 349 -20.39 12.72 -12.24
C CYS A 349 -21.50 12.19 -11.35
N PHE A 350 -22.13 11.09 -11.73
CA PHE A 350 -23.26 10.56 -10.97
C PHE A 350 -22.92 9.26 -10.26
N ASN A 351 -21.66 8.84 -10.27
CA ASN A 351 -21.21 7.67 -9.52
C ASN A 351 -22.05 6.45 -9.92
N ARG A 352 -22.37 6.37 -11.20
CA ARG A 352 -23.26 5.36 -11.74
C ARG A 352 -22.47 4.35 -12.55
N LEU A 353 -22.76 3.08 -12.34
CA LEU A 353 -22.13 1.98 -13.07
C LEU A 353 -23.19 1.38 -13.98
N ASP A 354 -23.05 1.58 -15.28
CA ASP A 354 -23.97 1.03 -16.25
C ASP A 354 -23.59 -0.42 -16.48
N LEU A 355 -24.36 -1.34 -15.89
CA LEU A 355 -24.04 -2.77 -15.92
C LEU A 355 -24.95 -3.49 -16.88
N PRO A 356 -24.42 -4.16 -17.90
CA PRO A 356 -25.26 -4.96 -18.78
C PRO A 356 -25.83 -6.16 -18.02
N PRO A 357 -26.98 -6.68 -18.45
CA PRO A 357 -27.54 -7.85 -17.78
C PRO A 357 -26.83 -9.13 -18.22
N TYR A 358 -25.91 -9.62 -17.39
CA TYR A 358 -25.07 -10.76 -17.75
C TYR A 358 -25.79 -12.06 -17.42
N GLU A 359 -25.59 -13.05 -18.28
CA GLU A 359 -26.28 -14.33 -18.20
C GLU A 359 -25.56 -15.36 -17.36
N SER A 360 -24.44 -15.00 -16.73
CA SER A 360 -23.70 -15.94 -15.89
C SER A 360 -22.79 -15.15 -14.97
N PHE A 361 -22.49 -15.74 -13.80
CA PHE A 361 -21.59 -15.08 -12.86
C PHE A 361 -20.20 -14.95 -13.43
N GLU A 362 -19.66 -16.05 -13.99
CA GLU A 362 -18.31 -16.02 -14.53
C GLU A 362 -18.19 -15.01 -15.65
N GLU A 363 -19.24 -14.83 -16.46
CA GLU A 363 -19.22 -13.79 -17.48
C GLU A 363 -19.20 -12.40 -16.85
N LEU A 364 -20.04 -12.18 -15.82
CA LEU A 364 -20.00 -10.90 -15.12
C LEU A 364 -18.60 -10.63 -14.56
N TRP A 365 -17.97 -11.66 -13.99
CA TRP A 365 -16.62 -11.51 -13.47
C TRP A 365 -15.67 -10.99 -14.53
N ASP A 366 -15.60 -11.66 -15.67
CA ASP A 366 -14.61 -11.28 -16.69
C ASP A 366 -14.96 -9.94 -17.33
N LYS A 367 -16.19 -9.79 -17.82
CA LYS A 367 -16.54 -8.55 -18.49
C LYS A 367 -16.46 -7.33 -17.56
N LEU A 368 -16.56 -7.54 -16.24
CA LEU A 368 -16.37 -6.42 -15.31
C LEU A 368 -14.89 -6.13 -15.08
N GLN A 369 -14.09 -7.18 -14.88
CA GLN A 369 -12.67 -6.98 -14.58
C GLN A 369 -11.91 -6.41 -15.78
N MET A 370 -12.35 -6.72 -17.00
CA MET A 370 -11.70 -6.16 -18.17
C MET A 370 -11.97 -4.68 -18.34
N ALA A 371 -13.08 -4.18 -17.80
CA ALA A 371 -13.39 -2.76 -17.83
C ALA A 371 -12.62 -1.96 -16.79
N ILE A 372 -12.04 -2.63 -15.80
CA ILE A 372 -11.30 -1.96 -14.75
C ILE A 372 -9.79 -2.07 -14.96
N GLU A 373 -9.32 -3.11 -15.65
CA GLU A 373 -7.90 -3.24 -15.97
C GLU A 373 -7.35 -2.04 -16.73
N ASN A 374 -8.22 -1.23 -17.34
CA ASN A 374 -7.79 -0.01 -18.03
C ASN A 374 -8.07 1.24 -17.22
N THR A 375 -7.79 1.17 -15.92
CA THR A 375 -7.86 2.33 -15.06
C THR A 375 -6.55 2.47 -14.31
C12 A1ITT B . 19.27 -8.48 -8.22
C11 A1ITT B . 19.63 -7.54 -9.37
N10 A1ITT B . 19.99 -6.20 -8.95
C02 A1ITT B . 16.74 1.33 -7.58
C03 A1ITT B . 16.93 0.22 -8.39
C04 A1ITT B . 18.03 0.19 -9.28
C06 A1ITT B . 18.08 -2.29 -9.65
C07 A1ITT B . 19.38 -2.83 -9.06
C08 A1ITT B . 20.04 -3.92 -9.91
C09 A1ITT B . 19.31 -5.27 -9.83
C13 A1ITT B . 17.89 -9.12 -8.26
C14 A1ITT B . 17.96 -10.55 -7.75
C16 A1ITT B . 15.68 -11.00 -8.04
C17 A1ITT B . 14.46 -11.35 -7.19
C19 A1ITT B . 18.11 -0.83 -11.65
C20 A1ITT B . 17.28 -1.77 -12.30
C21 A1ITT B . 17.07 -1.69 -13.68
C22 A1ITT B . 17.69 -0.69 -14.42
C23 A1ITT B . 18.51 0.24 -13.78
C24 A1ITT B . 18.73 0.18 -12.38
C25 A1ITT B . 19.64 1.28 -11.79
C26 A1ITT B . 20.07 1.14 -10.33
C27 A1ITT B . 18.90 1.23 -9.34
C28 A1ITT B . 18.72 2.37 -8.53
C29 A1ITT B . 17.63 2.41 -7.65
N05 A1ITT B . 18.27 -0.94 -10.18
O15 A1ITT B . 16.82 -11.19 -7.26
O18 A1ITT B . 19.00 -11.12 -7.77
CL01 A1ITT B . 15.36 1.40 -6.45
#